data_8V33
#
_entry.id   8V33
#
_cell.length_a   69.634
_cell.length_b   69.634
_cell.length_c   66.590
_cell.angle_alpha   90.000
_cell.angle_beta   90.000
_cell.angle_gamma   120.000
#
_symmetry.space_group_name_H-M   'P 32 2 1'
#
loop_
_entity.id
_entity.type
_entity.pdbx_description
1 polymer 'Teichoic acid ribitol-phosphate polymerase TarL'
2 non-polymer 'SUCCINIC ACID'
3 water water
#
_entity_poly.entity_id   1
_entity_poly.type   'polypeptide(L)'
_entity_poly.pdbx_seq_one_letter_code
;MVKSKIYIDKIYWERVQLFVEGHSENLDLEDSNFVLRNLTETRTMKANDVKIDGNQFVCRFNVAILDNGYYLPEDKYLLV
NEQELDYIAQLNPDVINDAYQNLKPEQEEEYNELETQNGKINFLLQTYLKEFRKGGISKKTVYTVTPEISSDVNEFVLDV
VVTTPEVKSGGSLVPRGSAAAALEHHHHHHHH
;
_entity_poly.pdbx_strand_id   A
#
# COMPACT_ATOMS: atom_id res chain seq x y z
N MET A 1 0.14 24.82 7.28
CA MET A 1 1.28 24.77 8.23
C MET A 1 2.36 23.74 7.92
N VAL A 2 1.97 22.66 7.27
CA VAL A 2 2.87 21.59 6.93
C VAL A 2 3.07 21.56 5.42
N LYS A 3 4.16 20.92 4.99
CA LYS A 3 4.36 20.70 3.57
C LYS A 3 3.26 19.80 2.99
N SER A 4 2.92 20.04 1.73
CA SER A 4 1.99 19.18 1.00
C SER A 4 2.35 17.72 1.14
N LYS A 5 1.35 16.87 1.45
CA LYS A 5 1.67 15.48 1.68
C LYS A 5 0.44 14.62 1.44
N ILE A 6 0.68 13.38 1.05
CA ILE A 6 -0.36 12.36 0.90
C ILE A 6 -0.09 11.27 1.92
N TYR A 7 -1.13 10.83 2.65
CA TYR A 7 -0.98 9.77 3.64
C TYR A 7 -1.92 8.63 3.33
N ILE A 8 -1.45 7.42 3.60
CA ILE A 8 -2.28 6.22 3.58
C ILE A 8 -2.77 5.96 5.01
N ASP A 9 -4.10 5.91 5.18
CA ASP A 9 -4.79 5.71 6.46
C ASP A 9 -5.24 4.29 6.71
N LYS A 10 -5.50 3.53 5.65
CA LYS A 10 -6.03 2.20 5.81
C LYS A 10 -5.85 1.49 4.48
N ILE A 11 -5.52 0.22 4.56
CA ILE A 11 -5.35 -0.67 3.42
C ILE A 11 -6.21 -1.88 3.68
N TYR A 12 -6.98 -2.29 2.67
CA TYR A 12 -7.76 -3.51 2.81
C TYR A 12 -8.14 -4.04 1.45
N TRP A 13 -8.58 -5.30 1.45
CA TRP A 13 -8.95 -6.00 0.23
C TRP A 13 -10.41 -6.41 0.29
N GLU A 14 -11.06 -6.37 -0.86
CA GLU A 14 -12.32 -7.04 -1.08
C GLU A 14 -12.02 -8.03 -2.21
N ARG A 15 -11.56 -9.23 -1.84
CA ARG A 15 -11.08 -10.25 -2.78
C ARG A 15 -9.97 -9.63 -3.63
N VAL A 16 -10.10 -9.53 -4.95
CA VAL A 16 -9.01 -9.00 -5.79
C VAL A 16 -8.97 -7.48 -5.88
N GLN A 17 -9.94 -6.79 -5.27
CA GLN A 17 -9.92 -5.33 -5.23
C GLN A 17 -9.10 -4.86 -4.03
N LEU A 18 -8.04 -4.09 -4.31
CA LEU A 18 -7.27 -3.43 -3.27
C LEU A 18 -7.82 -2.02 -3.05
N PHE A 19 -8.14 -1.69 -1.80
CA PHE A 19 -8.60 -0.35 -1.44
C PHE A 19 -7.54 0.33 -0.60
N VAL A 20 -7.28 1.60 -0.89
CA VAL A 20 -6.35 2.39 -0.10
C VAL A 20 -7.09 3.66 0.28
N GLU A 21 -7.31 3.88 1.57
CA GLU A 21 -7.96 5.10 2.03
C GLU A 21 -6.86 6.00 2.59
N GLY A 22 -7.00 7.30 2.36
CA GLY A 22 -6.04 8.21 2.95
C GLY A 22 -6.52 9.63 2.87
N HIS A 23 -5.58 10.56 3.06
CA HIS A 23 -5.92 11.98 3.05
C HIS A 23 -4.68 12.78 2.72
N SER A 24 -4.90 14.03 2.31
CA SER A 24 -3.77 14.92 2.06
C SER A 24 -3.72 16.00 3.13
N GLU A 25 -2.54 16.57 3.31
CA GLU A 25 -2.38 17.80 4.11
C GLU A 25 -1.84 18.89 3.18
N ASN A 26 -2.42 20.09 3.25
CA ASN A 26 -1.98 21.21 2.46
C ASN A 26 -1.86 20.85 0.98
N LEU A 27 -2.85 20.12 0.46
CA LEU A 27 -2.79 19.71 -0.94
C LEU A 27 -4.20 19.45 -1.47
N ASP A 28 -4.64 20.27 -2.42
CA ASP A 28 -5.94 20.07 -3.05
C ASP A 28 -5.86 18.86 -3.97
N LEU A 29 -6.82 17.94 -3.84
CA LEU A 29 -6.81 16.70 -4.60
C LEU A 29 -7.68 16.74 -5.85
N GLU A 30 -8.32 17.88 -6.16
CA GLU A 30 -9.35 17.88 -7.20
C GLU A 30 -8.83 17.37 -8.55
N ASP A 31 -7.62 17.76 -8.95
CA ASP A 31 -7.08 17.27 -10.22
C ASP A 31 -6.01 16.22 -10.00
N SER A 32 -6.19 15.38 -8.99
CA SER A 32 -5.17 14.40 -8.66
C SER A 32 -5.30 13.20 -9.61
N ASN A 33 -4.21 12.47 -9.77
CA ASN A 33 -4.25 11.21 -10.50
C ASN A 33 -3.48 10.18 -9.67
N PHE A 34 -4.19 9.21 -9.11
CA PHE A 34 -3.54 8.23 -8.23
C PHE A 34 -3.14 7.00 -9.04
N VAL A 35 -1.88 6.56 -8.86
CA VAL A 35 -1.31 5.46 -9.65
C VAL A 35 -0.46 4.59 -8.73
N LEU A 36 -0.29 3.34 -9.13
CA LEU A 36 0.79 2.51 -8.61
C LEU A 36 1.94 2.62 -9.59
N ARG A 37 3.15 2.88 -9.09
CA ARG A 37 4.31 3.07 -9.95
C ARG A 37 5.41 2.15 -9.43
N ASN A 38 6.07 1.43 -10.32
CA ASN A 38 7.03 0.48 -9.78
C ASN A 38 8.32 1.21 -9.37
N LEU A 39 9.18 0.49 -8.67
CA LEU A 39 10.35 1.10 -8.06
C LEU A 39 11.23 1.78 -9.09
N THR A 40 11.44 1.15 -10.24
CA THR A 40 12.30 1.68 -11.30
C THR A 40 11.57 2.69 -12.18
N GLU A 41 10.28 2.90 -11.94
CA GLU A 41 9.48 3.87 -12.68
C GLU A 41 9.39 3.50 -14.15
N THR A 42 9.47 2.20 -14.47
CA THR A 42 9.21 1.77 -15.84
C THR A 42 7.73 1.41 -16.07
N ARG A 43 6.93 1.30 -15.01
CA ARG A 43 5.52 0.96 -15.18
C ARG A 43 4.65 1.79 -14.24
N THR A 44 3.52 2.31 -14.75
CA THR A 44 2.55 3.11 -14.01
C THR A 44 1.16 2.56 -14.31
N MET A 45 0.40 2.25 -13.26
CA MET A 45 -0.97 1.73 -13.40
C MET A 45 -1.95 2.64 -12.66
N LYS A 46 -2.90 3.20 -13.38
CA LYS A 46 -3.88 4.08 -12.73
C LYS A 46 -4.90 3.29 -11.91
N ALA A 47 -5.36 3.91 -10.82
CA ALA A 47 -6.44 3.35 -10.04
C ALA A 47 -7.67 3.18 -10.92
N ASN A 48 -8.43 2.11 -10.67
CA ASN A 48 -9.66 1.91 -11.40
C ASN A 48 -10.74 2.87 -10.95
N ASP A 49 -10.68 3.34 -9.71
CA ASP A 49 -11.65 4.30 -9.24
C ASP A 49 -10.98 5.11 -8.15
N VAL A 50 -11.26 6.40 -8.12
CA VAL A 50 -10.86 7.27 -7.02
C VAL A 50 -12.06 8.10 -6.60
N LYS A 51 -12.37 8.08 -5.30
CA LYS A 51 -13.39 8.95 -4.73
C LYS A 51 -12.69 9.98 -3.84
N ILE A 52 -12.99 11.25 -4.06
CA ILE A 52 -12.41 12.35 -3.28
C ILE A 52 -13.52 13.03 -2.50
N ASP A 53 -13.28 13.27 -1.21
CA ASP A 53 -14.19 14.03 -0.34
C ASP A 53 -13.34 15.05 0.43
N GLY A 54 -13.27 16.27 -0.08
CA GLY A 54 -12.40 17.25 0.54
C GLY A 54 -10.96 16.76 0.44
N ASN A 55 -10.30 16.60 1.58
CA ASN A 55 -8.93 16.11 1.60
C ASN A 55 -8.84 14.61 1.79
N GLN A 56 -9.97 13.91 1.79
CA GLN A 56 -9.99 12.45 1.90
C GLN A 56 -10.07 11.82 0.53
N PHE A 57 -9.42 10.66 0.39
CA PHE A 57 -9.50 9.91 -0.86
C PHE A 57 -9.66 8.43 -0.55
N VAL A 58 -10.32 7.71 -1.45
CA VAL A 58 -10.32 6.26 -1.47
C VAL A 58 -9.99 5.80 -2.88
N CYS A 59 -8.91 5.00 -3.01
CA CYS A 59 -8.46 4.42 -4.27
C CYS A 59 -8.85 2.96 -4.31
N ARG A 60 -9.33 2.50 -5.47
CA ARG A 60 -9.56 1.08 -5.71
C ARG A 60 -8.73 0.64 -6.90
N PHE A 61 -7.97 -0.46 -6.72
CA PHE A 61 -7.19 -1.10 -7.77
C PHE A 61 -7.69 -2.53 -7.92
N ASN A 62 -8.13 -2.87 -9.12
CA ASN A 62 -8.55 -4.23 -9.46
C ASN A 62 -7.29 -4.96 -9.88
N VAL A 63 -6.62 -5.58 -8.90
CA VAL A 63 -5.28 -6.12 -9.12
C VAL A 63 -5.29 -7.25 -10.14
N ALA A 64 -6.42 -7.93 -10.29
CA ALA A 64 -6.51 -9.03 -11.25
C ALA A 64 -6.44 -8.59 -12.71
N ILE A 65 -6.73 -7.31 -13.03
CA ILE A 65 -6.79 -6.89 -14.43
C ILE A 65 -5.92 -5.68 -14.73
N LEU A 66 -5.12 -5.24 -13.77
CA LEU A 66 -4.41 -3.98 -13.97
C LEU A 66 -3.46 -4.06 -15.15
N ASP A 67 -2.91 -5.24 -15.44
CA ASP A 67 -2.02 -5.39 -16.59
C ASP A 67 -2.80 -5.95 -17.79
N ASN A 68 -3.68 -5.11 -18.34
CA ASN A 68 -4.41 -5.43 -19.58
C ASN A 68 -5.13 -6.76 -19.48
N GLY A 69 -5.81 -6.98 -18.35
CA GLY A 69 -6.58 -8.18 -18.15
C GLY A 69 -5.86 -9.26 -17.40
N TYR A 70 -4.58 -9.07 -17.11
CA TYR A 70 -3.77 -9.95 -16.30
C TYR A 70 -3.42 -9.26 -14.97
N TYR A 71 -2.93 -10.05 -14.04
CA TYR A 71 -2.63 -9.54 -12.71
C TYR A 71 -1.46 -8.57 -12.74
N LEU A 72 -1.48 -7.61 -11.83
CA LEU A 72 -0.34 -6.73 -11.61
C LEU A 72 0.96 -7.51 -11.60
N PRO A 73 1.96 -7.13 -12.39
CA PRO A 73 3.19 -7.94 -12.43
C PRO A 73 3.97 -7.94 -11.13
N GLU A 74 4.80 -8.96 -10.99
CA GLU A 74 5.70 -9.05 -9.85
C GLU A 74 6.63 -7.83 -9.85
N ASP A 75 6.64 -7.08 -8.74
CA ASP A 75 7.47 -5.87 -8.66
C ASP A 75 7.19 -5.26 -7.30
N LYS A 76 7.85 -4.16 -6.97
CA LYS A 76 7.53 -3.35 -5.79
C LYS A 76 6.90 -2.06 -6.29
N TYR A 77 5.77 -1.66 -5.71
CA TYR A 77 5.01 -0.49 -6.20
C TYR A 77 4.85 0.57 -5.13
N LEU A 78 5.09 1.82 -5.50
CA LEU A 78 4.74 2.97 -4.68
C LEU A 78 3.34 3.42 -5.08
N LEU A 79 2.63 4.05 -4.13
CA LEU A 79 1.37 4.73 -4.45
C LEU A 79 1.71 6.20 -4.62
N VAL A 80 1.36 6.77 -5.77
CA VAL A 80 1.80 8.13 -6.12
C VAL A 80 0.59 8.93 -6.55
N ASN A 81 0.49 10.16 -6.08
CA ASN A 81 -0.48 11.11 -6.60
C ASN A 81 0.26 12.03 -7.57
N GLU A 82 -0.11 12.00 -8.84
CA GLU A 82 0.67 12.68 -9.86
C GLU A 82 -0.02 14.00 -10.13
N GLN A 83 0.49 15.07 -9.49
CA GLN A 83 -0.04 16.40 -9.72
C GLN A 83 1.04 17.30 -10.30
N GLU A 84 1.16 18.54 -9.80
CA GLU A 84 2.25 19.39 -10.26
C GLU A 84 3.60 18.79 -9.89
N LEU A 85 3.67 18.12 -8.76
CA LEU A 85 4.75 17.26 -8.36
C LEU A 85 4.18 15.87 -8.27
N ASP A 86 5.06 14.88 -8.22
CA ASP A 86 4.67 13.51 -7.86
C ASP A 86 4.76 13.38 -6.33
N TYR A 87 3.62 13.17 -5.68
CA TYR A 87 3.58 13.00 -4.23
C TYR A 87 3.50 11.53 -3.91
N ILE A 88 4.52 11.00 -3.24
CA ILE A 88 4.54 9.59 -2.88
C ILE A 88 3.82 9.44 -1.56
N ALA A 89 2.87 8.49 -1.49
CA ALA A 89 2.07 8.30 -0.29
C ALA A 89 2.94 7.84 0.87
N GLN A 90 2.73 8.48 2.03
CA GLN A 90 3.39 8.15 3.29
C GLN A 90 2.45 7.35 4.17
N LEU A 91 2.99 6.41 4.93
CA LEU A 91 2.15 5.63 5.82
C LEU A 91 1.78 6.42 7.06
N ASN A 92 0.47 6.51 7.36
CA ASN A 92 -0.01 7.01 8.64
C ASN A 92 0.19 5.92 9.70
N PRO A 93 0.75 6.26 10.89
CA PRO A 93 0.95 5.24 11.96
C PRO A 93 -0.27 4.42 12.35
N ASP A 94 -1.48 4.95 12.07
CA ASP A 94 -2.71 4.16 12.27
C ASP A 94 -2.60 2.76 11.65
N VAL A 95 -1.93 2.65 10.50
CA VAL A 95 -1.86 1.35 9.81
C VAL A 95 -1.11 0.34 10.66
N ILE A 96 -0.01 0.81 11.27
CA ILE A 96 0.77 0.01 12.21
C ILE A 96 -0.08 -0.38 13.42
N ASN A 97 -0.77 0.60 14.00
CA ASN A 97 -1.58 0.27 15.18
C ASN A 97 -2.66 -0.74 14.86
N ASP A 98 -3.33 -0.60 13.69
CA ASP A 98 -4.40 -1.54 13.35
C ASP A 98 -3.84 -2.96 13.20
N ALA A 99 -2.65 -3.09 12.61
CA ALA A 99 -2.03 -4.41 12.54
C ALA A 99 -1.84 -4.98 13.95
N TYR A 100 -1.32 -4.15 14.86
CA TYR A 100 -1.04 -4.64 16.20
C TYR A 100 -2.32 -5.04 16.93
N GLN A 101 -3.37 -4.23 16.80
CA GLN A 101 -4.62 -4.53 17.49
C GLN A 101 -5.25 -5.80 16.97
N ASN A 102 -4.94 -6.21 15.73
CA ASN A 102 -5.54 -7.42 15.19
C ASN A 102 -4.62 -8.64 15.16
N LEU A 103 -3.49 -8.61 15.86
CA LEU A 103 -2.65 -9.80 15.96
C LEU A 103 -3.43 -10.99 16.52
N LYS A 104 -3.21 -12.18 15.94
CA LYS A 104 -3.73 -13.41 16.49
C LYS A 104 -2.78 -13.95 17.57
N PRO A 105 -3.24 -14.90 18.40
CA PRO A 105 -2.41 -15.34 19.55
C PRO A 105 -0.99 -15.77 19.22
N GLU A 106 -0.81 -16.64 18.23
CA GLU A 106 0.55 -17.08 17.86
C GLU A 106 1.37 -15.89 17.38
N GLN A 107 0.76 -15.02 16.55
CA GLN A 107 1.45 -13.81 16.11
C GLN A 107 1.83 -12.93 17.28
N GLU A 108 0.92 -12.74 18.23
CA GLU A 108 1.23 -11.91 19.37
C GLU A 108 2.42 -12.47 20.14
N GLU A 109 2.47 -13.79 20.28
CA GLU A 109 3.57 -14.38 21.03
C GLU A 109 4.90 -14.13 20.33
N GLU A 110 4.92 -14.24 19.00
CA GLU A 110 6.16 -13.94 18.27
C GLU A 110 6.49 -12.45 18.33
N TYR A 111 5.47 -11.61 18.18
CA TYR A 111 5.70 -10.16 18.17
C TYR A 111 6.32 -9.70 19.48
N ASN A 112 5.88 -10.29 20.59
CA ASN A 112 6.31 -9.81 21.90
C ASN A 112 7.78 -10.09 22.17
N GLU A 113 8.43 -10.97 21.40
CA GLU A 113 9.86 -11.22 21.56
C GLU A 113 10.72 -10.25 20.76
N LEU A 114 10.14 -9.42 19.90
CA LEU A 114 10.92 -8.48 19.10
C LEU A 114 11.49 -7.37 19.96
N GLU A 115 12.74 -6.98 19.63
CA GLU A 115 13.47 -6.00 20.41
C GLU A 115 13.73 -4.67 19.69
N THR A 116 13.56 -4.60 18.36
CA THR A 116 13.90 -3.38 17.65
C THR A 116 12.66 -2.75 17.05
N GLN A 117 12.70 -1.42 16.94
CA GLN A 117 11.63 -0.68 16.27
C GLN A 117 11.41 -1.17 14.86
N ASN A 118 12.51 -1.29 14.10
CA ASN A 118 12.40 -1.74 12.72
C ASN A 118 11.83 -3.15 12.63
N GLY A 119 12.25 -4.04 13.54
CA GLY A 119 11.69 -5.38 13.52
C GLY A 119 10.21 -5.38 13.79
N LYS A 120 9.75 -4.54 14.74
CA LYS A 120 8.33 -4.48 15.05
C LYS A 120 7.55 -3.95 13.84
N ILE A 121 8.05 -2.90 13.21
CA ILE A 121 7.33 -2.31 12.07
C ILE A 121 7.23 -3.33 10.94
N ASN A 122 8.34 -4.02 10.64
CA ASN A 122 8.38 -5.01 9.56
C ASN A 122 7.41 -6.14 9.85
N PHE A 123 7.43 -6.64 11.10
CA PHE A 123 6.51 -7.72 11.47
C PHE A 123 5.06 -7.31 11.25
N LEU A 124 4.71 -6.11 11.74
CA LEU A 124 3.32 -5.71 11.70
C LEU A 124 2.85 -5.49 10.27
N LEU A 125 3.68 -4.85 9.45
CA LEU A 125 3.27 -4.67 8.06
C LEU A 125 3.13 -6.00 7.35
N GLN A 126 3.98 -6.99 7.69
CA GLN A 126 3.90 -8.27 6.99
C GLN A 126 2.59 -8.98 7.30
N THR A 127 1.99 -8.74 8.48
CA THR A 127 0.67 -9.31 8.75
C THR A 127 -0.42 -8.84 7.77
N TYR A 128 -0.18 -7.81 6.98
CA TYR A 128 -1.12 -7.40 5.95
C TYR A 128 -1.07 -8.26 4.70
N LEU A 129 -0.20 -9.28 4.65
CA LEU A 129 -0.02 -10.01 3.41
C LEU A 129 -1.35 -10.59 2.91
N LYS A 130 -1.56 -10.52 1.61
CA LYS A 130 -2.75 -11.06 0.96
C LYS A 130 -2.28 -12.07 -0.07
N GLU A 131 -2.87 -13.26 -0.07
CA GLU A 131 -2.42 -14.32 -0.95
C GLU A 131 -3.60 -14.79 -1.80
N PHE A 132 -3.33 -14.99 -3.08
CA PHE A 132 -4.28 -15.62 -3.99
C PHE A 132 -3.67 -16.90 -4.51
N ARG A 133 -4.47 -17.97 -4.55
CA ARG A 133 -4.02 -19.23 -5.12
C ARG A 133 -4.89 -19.58 -6.31
N LYS A 134 -4.25 -19.77 -7.46
CA LYS A 134 -4.94 -20.03 -8.72
C LYS A 134 -4.12 -21.00 -9.57
N LYS A 140 -0.21 -25.07 -9.42
CA LYS A 140 -0.67 -24.15 -8.37
C LYS A 140 0.20 -22.88 -8.30
N THR A 141 -0.35 -21.73 -8.70
CA THR A 141 0.37 -20.46 -8.62
C THR A 141 -0.07 -19.71 -7.38
N VAL A 142 0.90 -19.21 -6.62
CA VAL A 142 0.61 -18.40 -5.45
C VAL A 142 1.04 -16.98 -5.74
N TYR A 143 0.12 -16.05 -5.56
CA TYR A 143 0.37 -14.63 -5.84
C TYR A 143 0.18 -13.89 -4.52
N THR A 144 1.21 -13.21 -4.05
CA THR A 144 1.12 -12.58 -2.73
C THR A 144 1.42 -11.10 -2.86
N VAL A 145 0.69 -10.28 -2.12
CA VAL A 145 0.91 -8.85 -2.09
C VAL A 145 1.13 -8.47 -0.64
N THR A 146 2.32 -7.93 -0.32
CA THR A 146 2.64 -7.59 1.08
C THR A 146 3.16 -6.17 1.17
N PRO A 147 2.60 -5.34 2.04
CA PRO A 147 3.18 -4.01 2.27
C PRO A 147 4.44 -4.07 3.11
N GLU A 148 5.30 -3.09 2.87
CA GLU A 148 6.51 -2.98 3.67
C GLU A 148 7.03 -1.55 3.54
N ILE A 149 7.95 -1.21 4.43
CA ILE A 149 8.76 -0.01 4.25
C ILE A 149 10.05 -0.46 3.56
N SER A 150 10.24 -0.05 2.31
CA SER A 150 11.43 -0.43 1.56
C SER A 150 12.58 0.45 2.03
N SER A 151 13.54 -0.14 2.74
CA SER A 151 14.62 0.64 3.35
C SER A 151 15.46 1.34 2.30
N ASP A 152 15.63 0.73 1.12
CA ASP A 152 16.53 1.31 0.14
C ASP A 152 16.05 2.69 -0.29
N VAL A 153 14.79 2.79 -0.70
CA VAL A 153 14.29 4.10 -1.15
C VAL A 153 13.52 4.83 -0.05
N ASN A 154 13.33 4.20 1.11
CA ASN A 154 12.77 4.89 2.29
C ASN A 154 11.31 5.25 2.04
N GLU A 155 10.56 4.30 1.50
CA GLU A 155 9.18 4.56 1.15
C GLU A 155 8.35 3.32 1.41
N PHE A 156 7.06 3.56 1.66
CA PHE A 156 6.06 2.50 1.69
C PHE A 156 5.87 1.92 0.29
N VAL A 157 5.88 0.59 0.18
CA VAL A 157 5.68 -0.08 -1.10
C VAL A 157 4.78 -1.29 -0.87
N LEU A 158 4.17 -1.73 -1.97
CA LEU A 158 3.48 -3.01 -2.06
C LEU A 158 4.39 -3.96 -2.82
N ASP A 159 4.80 -5.07 -2.15
CA ASP A 159 5.64 -6.07 -2.77
C ASP A 159 4.78 -7.19 -3.36
N VAL A 160 4.85 -7.38 -4.67
CA VAL A 160 4.05 -8.37 -5.38
C VAL A 160 4.99 -9.50 -5.79
N VAL A 161 4.71 -10.72 -5.33
CA VAL A 161 5.61 -11.84 -5.55
C VAL A 161 4.78 -13.01 -6.07
N VAL A 162 5.25 -13.66 -7.14
CA VAL A 162 4.54 -14.76 -7.77
C VAL A 162 5.39 -16.00 -7.62
N THR A 163 4.78 -17.09 -7.15
CA THR A 163 5.52 -18.30 -6.80
C THR A 163 4.80 -19.54 -7.33
N THR A 164 5.58 -20.58 -7.61
CA THR A 164 5.01 -21.88 -7.95
C THR A 164 5.65 -22.98 -7.11
#